data_2H98
#
_entry.id   2H98
#
_cell.length_a   37.447
_cell.length_b   51.038
_cell.length_c   59.120
_cell.angle_alpha   69.55
_cell.angle_beta   89.51
_cell.angle_gamma   77.63
#
_symmetry.space_group_name_H-M   'P 1'
#
loop_
_entity.id
_entity.type
_entity.pdbx_description
1 polymer 'HTH-type transcriptional regulator catM'
2 non-polymer 'CHLORIDE ION'
3 water water
#
_entity_poly.entity_id   1
_entity_poly.type   'polypeptide(L)'
_entity_poly.pdbx_seq_one_letter_code
;MELRHLRYFVTVVEEQSISKAAEKLCIAQPPLSRQIQKLEEELGIQLFERGFRPAKVTEAGMFFYQHAVQILTHTAQASS
MAKRIATVSQTLRIGYVSSLLYGLLPEIIYLFRQQNPEIHIELIECGTKDQINALKQGKIDLGFGRLKITDPAIRRIMLH
KEQLKLAIHKHHHLNQFAATGVHLSQIIDEPMLLYPVSQKPNFATFIQSLFTELGLVPSKLTEIREIQLALGLVAAGEGV
CIVPASAMDIGVKNLLYIPILDDDAYSPISLAVRNMDHSNYIPKILACVQEVFATHHIRPLIESILEHHHHHH
;
_entity_poly.pdbx_strand_id   A,B
#
# COMPACT_ATOMS: atom_id res chain seq x y z
N SER A 89 20.00 28.82 -2.99
CA SER A 89 19.13 28.30 -1.90
C SER A 89 19.45 26.83 -1.59
N GLN A 90 19.00 26.36 -0.43
CA GLN A 90 19.39 25.04 0.05
C GLN A 90 18.40 23.96 -0.39
N THR A 91 18.93 22.84 -0.86
CA THR A 91 18.13 21.68 -1.20
C THR A 91 18.50 20.53 -0.28
N LEU A 92 17.48 19.89 0.26
CA LEU A 92 17.63 18.75 1.16
C LEU A 92 17.08 17.51 0.47
N ARG A 93 17.94 16.53 0.21
CA ARG A 93 17.54 15.30 -0.45
C ARG A 93 17.34 14.20 0.60
N ILE A 94 16.12 13.68 0.68
CA ILE A 94 15.72 12.71 1.69
C ILE A 94 15.35 11.38 1.02
N GLY A 95 16.11 10.34 1.34
CA GLY A 95 15.79 8.98 0.90
C GLY A 95 14.89 8.29 1.90
N TYR A 96 13.97 7.46 1.41
CA TYR A 96 12.99 6.81 2.27
C TYR A 96 12.54 5.45 1.73
N VAL A 97 12.27 4.54 2.66
CA VAL A 97 11.66 3.25 2.35
C VAL A 97 10.17 3.47 2.30
N SER A 98 9.52 2.97 1.24
CA SER A 98 8.15 3.39 0.95
C SER A 98 7.17 3.02 2.06
N SER A 99 7.36 1.87 2.71
CA SER A 99 6.45 1.46 3.79
C SER A 99 6.46 2.44 4.97
N LEU A 100 7.53 3.21 5.12
CA LEU A 100 7.57 4.19 6.20
C LEU A 100 6.53 5.29 6.02
N LEU A 101 6.00 5.44 4.81
CA LEU A 101 4.99 6.46 4.54
C LEU A 101 3.63 6.16 5.18
N TYR A 102 3.44 4.94 5.68
CA TYR A 102 2.23 4.60 6.43
C TYR A 102 2.29 5.05 7.89
N GLY A 103 3.51 5.37 8.35
CA GLY A 103 3.75 5.71 9.75
C GLY A 103 3.80 7.21 9.94
N LEU A 104 4.69 7.64 10.83
CA LEU A 104 4.77 9.04 11.24
C LEU A 104 5.68 9.90 10.38
N LEU A 105 6.43 9.28 9.46
CA LEU A 105 7.39 10.02 8.64
C LEU A 105 6.82 11.18 7.81
N PRO A 106 5.69 10.99 7.11
CA PRO A 106 5.11 12.12 6.38
C PRO A 106 4.80 13.35 7.25
N GLU A 107 4.28 13.13 8.46
CA GLU A 107 4.03 14.25 9.40
C GLU A 107 5.32 14.93 9.84
N ILE A 108 6.37 14.13 10.04
CA ILE A 108 7.70 14.66 10.36
C ILE A 108 8.18 15.56 9.22
N ILE A 109 8.10 15.07 7.99
CA ILE A 109 8.54 15.82 6.82
C ILE A 109 7.68 17.09 6.64
N TYR A 110 6.37 16.94 6.74
CA TYR A 110 5.48 18.10 6.62
C TYR A 110 5.85 19.19 7.63
N LEU A 111 6.10 18.79 8.88
CA LEU A 111 6.51 19.73 9.93
C LEU A 111 7.81 20.44 9.56
N PHE A 112 8.83 19.67 9.19
CA PHE A 112 10.10 20.24 8.77
C PHE A 112 9.87 21.30 7.68
N ARG A 113 9.01 20.96 6.74
CA ARG A 113 8.67 21.82 5.61
C ARG A 113 8.04 23.13 6.08
N GLN A 114 7.13 23.03 7.06
N GLN A 114 7.14 23.02 7.06
CA GLN A 114 6.43 24.20 7.60
CA GLN A 114 6.42 24.15 7.64
C GLN A 114 7.36 25.11 8.42
C GLN A 114 7.35 25.09 8.41
N GLN A 115 8.28 24.50 9.17
CA GLN A 115 9.21 25.26 10.00
C GLN A 115 10.44 25.75 9.24
N ASN A 116 10.68 25.20 8.05
CA ASN A 116 11.87 25.55 7.24
C ASN A 116 11.51 25.74 5.77
N PRO A 117 10.72 26.79 5.47
CA PRO A 117 10.16 26.98 4.13
C PRO A 117 11.20 27.32 3.04
N GLU A 118 12.34 27.86 3.44
CA GLU A 118 13.40 28.23 2.50
C GLU A 118 14.17 27.02 1.96
N ILE A 119 14.15 25.92 2.70
CA ILE A 119 14.86 24.70 2.29
C ILE A 119 13.99 23.88 1.36
N HIS A 120 14.38 23.78 0.09
CA HIS A 120 13.65 22.91 -0.85
C HIS A 120 13.92 21.44 -0.53
N ILE A 121 12.86 20.65 -0.54
CA ILE A 121 12.95 19.23 -0.19
C ILE A 121 12.74 18.35 -1.41
N GLU A 122 13.62 17.37 -1.59
CA GLU A 122 13.43 16.32 -2.58
C GLU A 122 13.26 15.00 -1.85
N LEU A 123 12.10 14.36 -2.05
CA LEU A 123 11.83 13.05 -1.48
C LEU A 123 12.08 11.99 -2.54
N ILE A 124 13.02 11.09 -2.25
CA ILE A 124 13.48 10.08 -3.20
C ILE A 124 13.32 8.70 -2.56
N GLU A 125 12.56 7.81 -3.20
CA GLU A 125 12.45 6.45 -2.71
C GLU A 125 13.80 5.79 -2.82
N CYS A 126 14.23 5.14 -1.74
CA CYS A 126 15.57 4.53 -1.68
C CYS A 126 15.59 3.53 -0.54
N GLY A 127 15.84 2.26 -0.86
CA GLY A 127 15.85 1.22 0.14
C GLY A 127 16.99 1.41 1.12
N THR A 128 16.88 0.77 2.28
CA THR A 128 17.85 0.93 3.36
C THR A 128 19.27 0.64 2.87
N LYS A 129 19.44 -0.45 2.12
CA LYS A 129 20.76 -0.84 1.61
C LYS A 129 21.30 0.22 0.66
N ASP A 130 20.50 0.58 -0.33
CA ASP A 130 20.87 1.57 -1.34
C ASP A 130 21.17 2.95 -0.75
N GLN A 131 20.54 3.27 0.37
CA GLN A 131 20.80 4.54 1.06
C GLN A 131 22.26 4.72 1.45
N ILE A 132 22.95 3.62 1.73
CA ILE A 132 24.34 3.66 2.17
C ILE A 132 25.21 4.32 1.12
N ASN A 133 25.19 3.79 -0.10
CA ASN A 133 25.96 4.38 -1.21
C ASN A 133 25.40 5.73 -1.68
N ALA A 134 24.08 5.89 -1.67
CA ALA A 134 23.48 7.18 -2.02
C ALA A 134 24.00 8.28 -1.10
N LEU A 135 24.13 7.98 0.19
CA LEU A 135 24.71 8.93 1.13
C LEU A 135 26.20 9.18 0.81
N LYS A 136 26.97 8.11 0.61
CA LYS A 136 28.40 8.28 0.31
C LYS A 136 28.62 9.17 -0.91
N GLN A 137 27.76 9.00 -1.91
CA GLN A 137 27.91 9.69 -3.18
C GLN A 137 27.27 11.09 -3.21
N GLY A 138 26.47 11.41 -2.20
CA GLY A 138 25.83 12.73 -2.11
C GLY A 138 24.52 12.82 -2.87
N LYS A 139 23.93 11.67 -3.18
CA LYS A 139 22.65 11.60 -3.90
C LYS A 139 21.48 11.87 -2.96
N ILE A 140 21.66 11.52 -1.70
CA ILE A 140 20.73 11.91 -0.63
C ILE A 140 21.55 12.41 0.55
N ASP A 141 20.90 13.14 1.45
CA ASP A 141 21.52 13.68 2.65
C ASP A 141 21.00 13.00 3.92
N LEU A 142 19.74 12.60 3.89
CA LEU A 142 19.10 11.86 4.97
C LEU A 142 18.54 10.58 4.39
N GLY A 143 18.70 9.48 5.12
CA GLY A 143 18.12 8.20 4.74
C GLY A 143 17.30 7.61 5.87
N PHE A 144 15.99 7.52 5.66
CA PHE A 144 15.11 6.91 6.65
C PHE A 144 14.95 5.44 6.29
N GLY A 145 15.46 4.58 7.17
CA GLY A 145 15.63 3.15 6.90
C GLY A 145 14.72 2.25 7.70
N ARG A 146 14.61 1.01 7.23
CA ARG A 146 13.63 0.05 7.73
C ARG A 146 14.27 -1.12 8.48
N LEU A 147 15.53 -1.41 8.20
CA LEU A 147 16.26 -2.43 8.96
C LEU A 147 17.66 -1.92 9.32
N LYS A 148 18.37 -2.69 10.14
CA LYS A 148 19.72 -2.34 10.53
C LYS A 148 20.70 -2.76 9.45
N ILE A 149 21.32 -1.76 8.83
CA ILE A 149 22.44 -1.96 7.92
C ILE A 149 23.47 -0.90 8.26
N THR A 150 24.70 -1.33 8.49
CA THR A 150 25.74 -0.47 9.03
C THR A 150 26.89 -0.27 8.07
N ASP A 151 27.56 0.87 8.21
CA ASP A 151 28.73 1.20 7.44
C ASP A 151 29.58 2.20 8.23
N PRO A 152 30.91 1.96 8.31
CA PRO A 152 31.82 2.83 9.08
C PRO A 152 31.77 4.32 8.76
N ALA A 153 31.38 4.69 7.54
CA ALA A 153 31.28 6.09 7.13
C ALA A 153 29.90 6.71 7.37
N ILE A 154 28.95 5.90 7.82
CA ILE A 154 27.55 6.29 7.90
C ILE A 154 27.09 6.35 9.35
N ARG A 155 26.60 7.52 9.75
CA ARG A 155 26.05 7.72 11.09
C ARG A 155 24.60 7.26 11.11
N ARG A 156 24.29 6.32 11.98
CA ARG A 156 22.95 5.76 12.10
C ARG A 156 22.34 6.16 13.45
N ILE A 157 21.18 6.82 13.38
CA ILE A 157 20.46 7.25 14.58
C ILE A 157 19.15 6.46 14.65
N MET A 158 19.03 5.57 15.63
CA MET A 158 17.78 4.85 15.81
C MET A 158 16.77 5.79 16.44
N LEU A 159 15.62 5.92 15.78
CA LEU A 159 14.57 6.84 16.19
C LEU A 159 13.52 6.12 17.04
N HIS A 160 13.25 4.86 16.69
CA HIS A 160 12.17 4.10 17.30
C HIS A 160 12.33 2.61 16.96
N LYS A 161 11.85 1.75 17.84
CA LYS A 161 11.78 0.31 17.57
C LYS A 161 10.32 -0.08 17.43
N GLU A 162 9.99 -0.75 16.33
CA GLU A 162 8.63 -1.20 16.07
C GLU A 162 8.54 -2.69 16.36
N GLN A 163 7.70 -3.06 17.31
CA GLN A 163 7.48 -4.46 17.64
C GLN A 163 6.86 -5.20 16.46
N LEU A 164 7.27 -6.44 16.23
CA LEU A 164 6.75 -7.23 15.11
C LEU A 164 5.48 -7.97 15.49
N LYS A 165 4.55 -8.02 14.53
CA LYS A 165 3.26 -8.71 14.68
C LYS A 165 3.13 -9.75 13.56
N LEU A 166 2.34 -10.79 13.80
CA LEU A 166 1.96 -11.71 12.73
C LEU A 166 0.56 -11.32 12.28
N ALA A 167 0.47 -10.78 11.06
CA ALA A 167 -0.83 -10.48 10.47
C ALA A 167 -1.46 -11.78 9.95
N ILE A 168 -2.65 -12.08 10.45
CA ILE A 168 -3.41 -13.25 10.03
C ILE A 168 -4.83 -12.84 9.70
N HIS A 169 -5.51 -13.64 8.88
CA HIS A 169 -6.93 -13.46 8.71
C HIS A 169 -7.57 -13.75 10.07
N LYS A 170 -8.57 -12.95 10.44
CA LYS A 170 -9.18 -13.03 11.77
C LYS A 170 -9.72 -14.43 12.16
N HIS A 171 -10.00 -15.28 11.17
CA HIS A 171 -10.50 -16.64 11.39
C HIS A 171 -9.42 -17.74 11.32
N HIS A 172 -8.17 -17.33 11.07
CA HIS A 172 -7.02 -18.24 11.10
C HIS A 172 -6.83 -18.83 12.51
N HIS A 173 -6.40 -20.09 12.60
CA HIS A 173 -6.34 -20.82 13.88
C HIS A 173 -5.42 -20.20 14.95
N LEU A 174 -4.41 -19.44 14.53
CA LEU A 174 -3.54 -18.71 15.46
C LEU A 174 -4.24 -17.53 16.13
N ASN A 175 -5.49 -17.24 15.74
CA ASN A 175 -6.31 -16.27 16.49
C ASN A 175 -6.52 -16.65 17.97
N GLN A 176 -6.31 -17.92 18.31
CA GLN A 176 -6.31 -18.35 19.71
C GLN A 176 -5.16 -17.72 20.54
N PHE A 177 -4.19 -17.12 19.85
CA PHE A 177 -3.09 -16.37 20.49
C PHE A 177 -3.24 -14.84 20.35
N ALA A 178 -4.45 -14.39 20.04
CA ALA A 178 -4.73 -12.96 19.93
C ALA A 178 -4.51 -12.25 21.28
N ALA A 179 -4.95 -12.89 22.35
CA ALA A 179 -4.90 -12.30 23.69
C ALA A 179 -3.51 -12.34 24.32
N THR A 180 -2.55 -13.01 23.70
CA THR A 180 -1.21 -13.15 24.28
C THR A 180 -0.11 -12.87 23.26
N GLY A 181 0.09 -13.80 22.32
CA GLY A 181 1.16 -13.67 21.35
C GLY A 181 1.74 -15.02 20.99
N VAL A 182 2.61 -15.03 19.98
CA VAL A 182 3.28 -16.26 19.55
C VAL A 182 4.78 -16.06 19.46
N HIS A 183 5.50 -17.18 19.45
CA HIS A 183 6.94 -17.19 19.20
C HIS A 183 7.14 -17.66 17.78
N LEU A 184 8.21 -17.19 17.13
CA LEU A 184 8.48 -17.56 15.73
C LEU A 184 8.50 -19.06 15.49
N SER A 185 8.92 -19.83 16.50
CA SER A 185 8.93 -21.29 16.43
C SER A 185 7.54 -21.87 16.15
N GLN A 186 6.50 -21.22 16.68
CA GLN A 186 5.12 -21.70 16.53
C GLN A 186 4.53 -21.56 15.12
N ILE A 187 5.21 -20.86 14.21
CA ILE A 187 4.65 -20.58 12.89
C ILE A 187 5.54 -20.94 11.70
N ILE A 188 6.59 -21.74 11.94
CA ILE A 188 7.53 -22.12 10.88
C ILE A 188 6.90 -22.88 9.69
N ASP A 189 5.75 -23.52 9.90
CA ASP A 189 5.10 -24.29 8.85
C ASP A 189 3.83 -23.64 8.29
N GLU A 190 3.53 -22.41 8.71
CA GLU A 190 2.45 -21.63 8.10
C GLU A 190 2.89 -21.12 6.74
N PRO A 191 2.07 -21.32 5.70
CA PRO A 191 2.21 -20.58 4.45
C PRO A 191 2.33 -19.09 4.74
N MET A 192 3.46 -18.49 4.40
CA MET A 192 3.68 -17.11 4.77
C MET A 192 4.21 -16.24 3.64
N LEU A 193 3.92 -14.96 3.77
CA LEU A 193 4.20 -13.99 2.74
C LEU A 193 5.34 -13.10 3.20
N LEU A 194 6.36 -12.98 2.37
CA LEU A 194 7.44 -12.04 2.60
C LEU A 194 7.25 -10.85 1.67
N TYR A 195 7.82 -9.71 2.04
CA TYR A 195 7.72 -8.48 1.25
C TYR A 195 8.83 -7.55 1.74
N PRO A 196 9.18 -6.54 0.93
CA PRO A 196 8.77 -6.29 -0.45
C PRO A 196 9.66 -7.05 -1.45
N VAL A 197 9.42 -6.85 -2.73
CA VAL A 197 10.31 -7.29 -3.79
C VAL A 197 11.05 -6.05 -4.22
N SER A 198 12.27 -5.94 -3.73
CA SER A 198 13.12 -4.78 -3.93
C SER A 198 14.57 -5.18 -3.69
N GLN A 199 15.49 -4.22 -3.80
CA GLN A 199 16.91 -4.45 -3.53
C GLN A 199 17.14 -5.05 -2.14
N LYS A 200 17.86 -6.17 -2.09
CA LYS A 200 18.16 -6.84 -0.82
C LYS A 200 19.58 -6.51 -0.34
N PRO A 201 19.84 -6.66 0.97
CA PRO A 201 18.88 -7.04 2.01
C PRO A 201 17.76 -6.03 2.20
N ASN A 202 16.56 -6.53 2.45
CA ASN A 202 15.40 -5.70 2.74
C ASN A 202 14.63 -6.34 3.89
N PHE A 203 13.39 -5.94 4.10
CA PHE A 203 12.60 -6.44 5.23
C PHE A 203 12.45 -7.96 5.16
N ALA A 204 12.21 -8.49 3.98
CA ALA A 204 12.07 -9.92 3.74
C ALA A 204 13.31 -10.70 4.15
N THR A 205 14.49 -10.13 3.86
CA THR A 205 15.75 -10.75 4.30
C THR A 205 15.92 -10.64 5.82
N PHE A 206 15.47 -9.54 6.43
CA PHE A 206 15.51 -9.40 7.88
C PHE A 206 14.67 -10.48 8.55
N ILE A 207 13.44 -10.65 8.08
CA ILE A 207 12.52 -11.65 8.63
C ILE A 207 13.09 -13.06 8.51
N GLN A 208 13.60 -13.41 7.33
CA GLN A 208 14.30 -14.68 7.15
C GLN A 208 15.49 -14.84 8.11
N SER A 209 16.21 -13.74 8.37
CA SER A 209 17.34 -13.80 9.31
C SER A 209 16.91 -14.09 10.76
N LEU A 210 15.70 -13.67 11.14
CA LEU A 210 15.19 -13.95 12.50
C LEU A 210 14.93 -15.44 12.69
N PHE A 211 14.40 -16.08 11.66
CA PHE A 211 14.22 -17.53 11.68
C PHE A 211 15.57 -18.25 11.76
N THR A 212 16.52 -17.82 10.93
CA THR A 212 17.84 -18.45 10.86
C THR A 212 18.60 -18.40 12.19
N GLU A 213 18.59 -17.24 12.83
N GLU A 213 18.61 -17.24 12.83
CA GLU A 213 19.24 -17.05 14.14
CA GLU A 213 19.29 -17.09 14.14
C GLU A 213 18.69 -17.97 15.21
C GLU A 213 18.70 -18.00 15.21
N LEU A 214 17.42 -18.36 15.07
CA LEU A 214 16.77 -19.31 15.98
C LEU A 214 16.90 -20.76 15.51
N GLY A 215 17.70 -21.01 14.48
CA GLY A 215 17.84 -22.35 13.91
C GLY A 215 16.60 -22.86 13.22
N LEU A 216 15.71 -21.95 12.81
CA LEU A 216 14.40 -22.32 12.27
C LEU A 216 14.37 -22.14 10.75
N VAL A 217 13.65 -23.04 10.08
CA VAL A 217 13.47 -22.96 8.63
C VAL A 217 11.99 -22.88 8.29
N PRO A 218 11.52 -21.71 7.83
CA PRO A 218 10.16 -21.64 7.30
C PRO A 218 9.97 -22.50 6.05
N SER A 219 8.94 -23.35 6.06
CA SER A 219 8.76 -24.36 5.03
C SER A 219 7.98 -23.89 3.79
N LYS A 220 7.20 -22.82 3.93
CA LYS A 220 6.50 -22.24 2.78
C LYS A 220 6.58 -20.71 2.78
N LEU A 221 7.43 -20.17 1.91
CA LEU A 221 7.62 -18.74 1.77
C LEU A 221 7.23 -18.31 0.36
N THR A 222 6.52 -17.19 0.27
CA THR A 222 6.19 -16.57 -1.01
C THR A 222 6.50 -15.08 -0.91
N GLU A 223 7.29 -14.58 -1.86
CA GLU A 223 7.65 -13.16 -1.88
C GLU A 223 6.55 -12.36 -2.59
N ILE A 224 6.06 -11.33 -1.91
CA ILE A 224 5.03 -10.43 -2.45
C ILE A 224 5.66 -9.04 -2.59
N ARG A 225 5.28 -8.31 -3.63
CA ARG A 225 6.10 -7.14 -4.03
C ARG A 225 5.97 -5.90 -3.14
N GLU A 226 4.85 -5.74 -2.45
CA GLU A 226 4.68 -4.63 -1.50
C GLU A 226 3.84 -5.06 -0.29
N ILE A 227 4.06 -4.41 0.84
CA ILE A 227 3.27 -4.71 2.05
C ILE A 227 1.77 -4.58 1.79
N GLN A 228 1.38 -3.59 0.99
CA GLN A 228 -0.03 -3.36 0.67
C GLN A 228 -0.66 -4.61 0.03
N LEU A 229 0.02 -5.15 -0.96
CA LEU A 229 -0.39 -6.38 -1.63
C LEU A 229 -0.40 -7.55 -0.68
N ALA A 230 0.67 -7.69 0.10
CA ALA A 230 0.84 -8.82 1.01
C ALA A 230 -0.32 -8.91 2.00
N LEU A 231 -0.65 -7.79 2.63
CA LEU A 231 -1.76 -7.74 3.56
C LEU A 231 -3.13 -7.98 2.93
N GLY A 232 -3.37 -7.46 1.72
CA GLY A 232 -4.58 -7.78 0.97
C GLY A 232 -4.69 -9.27 0.66
N LEU A 233 -3.56 -9.93 0.40
CA LEU A 233 -3.52 -11.37 0.16
C LEU A 233 -3.76 -12.23 1.41
N VAL A 234 -3.21 -11.80 2.56
CA VAL A 234 -3.58 -12.40 3.84
C VAL A 234 -5.10 -12.37 4.02
N ALA A 235 -5.71 -11.21 3.83
CA ALA A 235 -7.17 -11.05 3.89
C ALA A 235 -7.90 -11.98 2.93
N ALA A 236 -7.30 -12.24 1.77
CA ALA A 236 -7.89 -13.13 0.79
C ALA A 236 -7.72 -14.61 1.15
N GLY A 237 -6.94 -14.91 2.18
CA GLY A 237 -6.72 -16.27 2.68
C GLY A 237 -5.46 -16.95 2.15
N GLU A 238 -4.48 -16.15 1.72
CA GLU A 238 -3.25 -16.68 1.13
C GLU A 238 -2.18 -17.11 2.13
N GLY A 239 -2.34 -16.71 3.40
CA GLY A 239 -1.39 -17.08 4.44
C GLY A 239 -1.26 -16.05 5.55
N VAL A 240 -0.10 -16.06 6.18
CA VAL A 240 0.22 -15.14 7.28
C VAL A 240 1.37 -14.24 6.83
N CYS A 241 1.56 -13.12 7.50
CA CYS A 241 2.59 -12.17 7.10
C CYS A 241 3.10 -11.40 8.29
N ILE A 242 4.39 -11.56 8.57
CA ILE A 242 5.04 -10.81 9.64
C ILE A 242 5.26 -9.36 9.21
N VAL A 243 4.83 -8.43 10.06
CA VAL A 243 4.91 -7.00 9.77
C VAL A 243 5.31 -6.23 11.02
N PRO A 244 5.85 -5.02 10.85
CA PRO A 244 6.10 -4.17 12.00
C PRO A 244 4.80 -3.57 12.54
N ALA A 245 4.81 -3.12 13.79
CA ALA A 245 3.62 -2.58 14.45
C ALA A 245 2.88 -1.50 13.66
N SER A 246 3.62 -0.64 12.96
CA SER A 246 2.98 0.45 12.18
C SER A 246 2.02 -0.09 11.13
N ALA A 247 2.28 -1.32 10.66
CA ALA A 247 1.42 -1.97 9.66
C ALA A 247 0.01 -2.26 10.17
N MET A 248 -0.18 -2.20 11.48
CA MET A 248 -1.51 -2.38 12.07
C MET A 248 -2.51 -1.29 11.64
N ASP A 249 -1.98 -0.18 11.10
CA ASP A 249 -2.81 0.97 10.68
C ASP A 249 -3.07 1.02 9.17
N ILE A 250 -2.58 0.03 8.41
CA ILE A 250 -2.63 0.08 6.94
C ILE A 250 -4.06 0.13 6.40
N GLY A 251 -4.98 -0.51 7.13
CA GLY A 251 -6.41 -0.40 6.86
C GLY A 251 -7.06 -1.53 6.08
N VAL A 252 -6.36 -2.65 5.93
CA VAL A 252 -6.94 -3.83 5.27
C VAL A 252 -7.84 -4.53 6.29
N LYS A 253 -9.10 -4.70 5.93
CA LYS A 253 -10.10 -5.20 6.88
C LYS A 253 -10.01 -6.71 7.06
N ASN A 254 -10.57 -7.18 8.19
CA ASN A 254 -10.67 -8.60 8.53
C ASN A 254 -9.36 -9.29 8.95
N LEU A 255 -8.40 -8.51 9.45
CA LEU A 255 -7.13 -9.03 9.92
C LEU A 255 -6.99 -8.94 11.44
N LEU A 256 -6.15 -9.81 12.00
CA LEU A 256 -5.68 -9.70 13.37
C LEU A 256 -4.16 -9.61 13.32
N TYR A 257 -3.58 -8.89 14.27
CA TYR A 257 -2.14 -8.70 14.36
C TYR A 257 -1.64 -9.28 15.68
N ILE A 258 -1.00 -10.44 15.60
CA ILE A 258 -0.62 -11.22 16.77
C ILE A 258 0.77 -10.80 17.22
N PRO A 259 0.91 -10.39 18.51
CA PRO A 259 2.26 -10.03 18.97
C PRO A 259 3.25 -11.18 18.82
N ILE A 260 4.42 -10.89 18.26
CA ILE A 260 5.51 -11.86 18.19
C ILE A 260 6.42 -11.64 19.41
N LEU A 261 6.60 -12.68 20.23
CA LEU A 261 7.13 -12.53 21.59
C LEU A 261 8.64 -12.71 21.76
N ASP A 262 9.34 -13.13 20.71
CA ASP A 262 10.79 -13.31 20.79
C ASP A 262 11.50 -11.98 21.06
N ASP A 263 12.60 -12.04 21.81
CA ASP A 263 13.41 -10.86 22.14
C ASP A 263 13.82 -10.04 20.91
N ASP A 264 14.19 -10.73 19.83
CA ASP A 264 14.73 -10.06 18.65
C ASP A 264 13.68 -9.58 17.65
N ALA A 265 12.40 -9.73 18.01
CA ALA A 265 11.29 -9.46 17.09
C ALA A 265 10.89 -7.98 17.07
N TYR A 266 11.82 -7.13 16.65
CA TYR A 266 11.57 -5.68 16.49
C TYR A 266 12.22 -5.19 15.22
N SER A 267 11.66 -4.12 14.66
CA SER A 267 12.18 -3.50 13.44
C SER A 267 12.46 -2.01 13.71
N PRO A 268 13.71 -1.56 13.55
CA PRO A 268 14.03 -0.18 13.85
C PRO A 268 13.60 0.78 12.75
N ILE A 269 13.23 2.00 13.16
CA ILE A 269 13.16 3.13 12.25
C ILE A 269 14.41 3.92 12.57
N SER A 270 15.29 4.07 11.59
CA SER A 270 16.53 4.78 11.83
C SER A 270 16.77 5.87 10.80
N LEU A 271 17.56 6.86 11.19
CA LEU A 271 17.97 7.94 10.29
C LEU A 271 19.45 7.77 10.05
N ALA A 272 19.84 7.72 8.77
CA ALA A 272 21.25 7.59 8.40
C ALA A 272 21.72 8.89 7.77
N VAL A 273 22.91 9.32 8.15
CA VAL A 273 23.59 10.45 7.53
C VAL A 273 25.07 10.12 7.39
N ARG A 274 25.77 10.86 6.54
CA ARG A 274 27.22 10.74 6.45
C ARG A 274 27.80 11.15 7.80
N ASN A 275 28.78 10.39 8.29
CA ASN A 275 29.53 10.74 9.50
C ASN A 275 30.08 12.17 9.42
N MET A 276 30.57 12.53 8.25
CA MET A 276 31.23 13.82 8.02
C MET A 276 30.26 14.98 7.77
N ASP A 277 28.96 14.69 7.78
CA ASP A 277 27.94 15.71 7.57
C ASP A 277 27.59 16.39 8.91
N HIS A 278 27.76 17.71 8.95
CA HIS A 278 27.38 18.49 10.14
C HIS A 278 26.49 19.67 9.73
N SER A 279 25.57 19.40 8.80
CA SER A 279 24.70 20.43 8.24
C SER A 279 23.62 20.85 9.22
N ASN A 280 23.10 22.06 9.03
CA ASN A 280 21.99 22.61 9.79
C ASN A 280 20.73 21.72 9.83
N TYR A 281 20.47 21.00 8.76
CA TYR A 281 19.23 20.19 8.66
C TYR A 281 19.17 18.98 9.60
N ILE A 282 20.30 18.52 10.10
CA ILE A 282 20.34 17.32 10.94
C ILE A 282 19.66 17.57 12.32
N PRO A 283 20.15 18.54 13.09
CA PRO A 283 19.40 18.84 14.32
C PRO A 283 17.96 19.26 14.05
N LYS A 284 17.71 19.94 12.93
CA LYS A 284 16.36 20.39 12.58
C LYS A 284 15.41 19.22 12.37
N ILE A 285 15.81 18.27 11.52
CA ILE A 285 14.97 17.11 11.24
C ILE A 285 14.76 16.26 12.51
N LEU A 286 15.80 16.10 13.32
CA LEU A 286 15.70 15.36 14.58
C LEU A 286 14.75 16.03 15.58
N ALA A 287 14.73 17.36 15.60
CA ALA A 287 13.76 18.11 16.40
C ALA A 287 12.33 17.84 15.95
N CYS A 288 12.14 17.70 14.65
CA CYS A 288 10.83 17.40 14.09
C CYS A 288 10.39 15.97 14.43
N VAL A 289 11.31 15.01 14.32
CA VAL A 289 11.05 13.64 14.78
C VAL A 289 10.55 13.67 16.23
N GLN A 290 11.31 14.29 17.11
CA GLN A 290 10.97 14.34 18.54
C GLN A 290 9.59 14.98 18.78
N GLU A 291 9.32 16.07 18.07
CA GLU A 291 8.07 16.82 18.21
C GLU A 291 6.85 15.99 17.81
N VAL A 292 6.95 15.35 16.65
CA VAL A 292 5.84 14.54 16.13
C VAL A 292 5.59 13.35 17.03
N PHE A 293 6.65 12.69 17.47
CA PHE A 293 6.53 11.58 18.41
C PHE A 293 5.81 12.01 19.68
N ALA A 294 6.17 13.18 20.20
CA ALA A 294 5.51 13.75 21.38
C ALA A 294 4.05 14.14 21.11
N THR A 295 3.79 14.72 19.95
CA THR A 295 2.43 15.09 19.55
C THR A 295 1.50 13.87 19.53
N HIS A 296 2.06 12.70 19.24
CA HIS A 296 1.31 11.44 19.25
C HIS A 296 1.32 10.71 20.60
N HIS A 297 1.98 11.30 21.59
CA HIS A 297 2.16 10.69 22.91
C HIS A 297 2.91 9.37 22.84
N ILE A 298 3.97 9.34 22.03
CA ILE A 298 4.83 8.18 21.87
C ILE A 298 6.27 8.59 22.16
N ARG A 299 6.99 7.74 22.87
CA ARG A 299 8.36 8.06 23.30
C ARG A 299 9.39 7.68 22.23
N PRO A 300 10.35 8.60 21.94
CA PRO A 300 11.51 8.31 21.08
C PRO A 300 12.65 7.65 21.87
N LEU A 301 13.84 7.60 21.27
CA LEU A 301 15.05 7.18 21.99
C LEU A 301 16.31 7.82 21.38
N ILE A 302 16.30 9.15 21.31
CA ILE A 302 17.40 9.93 20.73
C ILE A 302 18.03 10.79 21.83
N GLU A 303 19.30 11.17 21.62
CA GLU A 303 20.06 11.99 22.57
C GLU A 303 19.37 13.31 22.95
N SER A 304 18.65 13.90 21.99
CA SER A 304 17.89 15.14 22.21
C SER A 304 18.79 16.31 22.59
N SER B 89 -11.38 -32.31 -6.65
CA SER B 89 -10.76 -30.98 -6.40
C SER B 89 -10.62 -30.19 -7.71
N GLN B 90 -11.45 -29.15 -7.84
CA GLN B 90 -11.38 -28.23 -8.98
C GLN B 90 -10.30 -27.19 -8.68
N THR B 91 -9.66 -26.67 -9.73
CA THR B 91 -8.74 -25.54 -9.58
C THR B 91 -9.32 -24.29 -10.26
N LEU B 92 -9.34 -23.18 -9.52
CA LEU B 92 -9.87 -21.91 -10.00
C LEU B 92 -8.77 -20.86 -10.01
N ARG B 93 -8.49 -20.32 -11.20
CA ARG B 93 -7.46 -19.29 -11.36
C ARG B 93 -8.13 -17.93 -11.46
N ILE B 94 -7.78 -17.05 -10.54
CA ILE B 94 -8.38 -15.72 -10.43
C ILE B 94 -7.32 -14.66 -10.67
N GLY B 95 -7.50 -13.91 -11.74
CA GLY B 95 -6.69 -12.74 -12.03
C GLY B 95 -7.23 -11.53 -11.29
N TYR B 96 -6.33 -10.72 -10.76
CA TYR B 96 -6.69 -9.52 -10.02
C TYR B 96 -5.73 -8.38 -10.33
N VAL B 97 -6.22 -7.16 -10.21
CA VAL B 97 -5.36 -5.99 -10.24
C VAL B 97 -5.11 -5.53 -8.81
N SER B 98 -3.89 -5.04 -8.55
CA SER B 98 -3.51 -4.62 -7.20
C SER B 98 -4.49 -3.62 -6.58
N SER B 99 -5.07 -2.76 -7.42
CA SER B 99 -5.96 -1.69 -6.95
C SER B 99 -7.29 -2.18 -6.38
N LEU B 100 -7.54 -3.50 -6.43
CA LEU B 100 -8.73 -4.09 -5.82
C LEU B 100 -8.45 -4.76 -4.46
N LEU B 101 -7.16 -4.95 -4.14
CA LEU B 101 -6.78 -5.64 -2.91
C LEU B 101 -6.95 -4.76 -1.68
N TYR B 102 -7.09 -3.45 -1.87
CA TYR B 102 -7.38 -2.57 -0.74
C TYR B 102 -8.87 -2.31 -0.58
N GLY B 103 -9.67 -2.96 -1.44
CA GLY B 103 -11.13 -2.85 -1.37
C GLY B 103 -11.79 -4.14 -0.92
N LEU B 104 -13.00 -4.39 -1.43
CA LEU B 104 -13.78 -5.55 -1.00
C LEU B 104 -13.33 -6.91 -1.57
N LEU B 105 -12.48 -6.92 -2.58
CA LEU B 105 -12.15 -8.18 -3.28
C LEU B 105 -11.58 -9.30 -2.39
N PRO B 106 -10.56 -9.02 -1.54
CA PRO B 106 -10.07 -10.06 -0.64
C PRO B 106 -11.17 -10.75 0.19
N GLU B 107 -12.08 -9.94 0.74
CA GLU B 107 -13.19 -10.47 1.52
C GLU B 107 -14.12 -11.35 0.67
N ILE B 108 -14.35 -10.93 -0.57
CA ILE B 108 -15.14 -11.70 -1.53
C ILE B 108 -14.46 -13.05 -1.80
N ILE B 109 -13.17 -13.01 -2.12
CA ILE B 109 -12.38 -14.23 -2.34
C ILE B 109 -12.37 -15.12 -1.09
N TYR B 110 -12.17 -14.53 0.09
CA TYR B 110 -12.14 -15.32 1.32
C TYR B 110 -13.45 -16.05 1.56
N LEU B 111 -14.58 -15.36 1.38
CA LEU B 111 -15.89 -15.95 1.58
C LEU B 111 -16.11 -17.12 0.64
N PHE B 112 -15.79 -16.93 -0.64
CA PHE B 112 -15.86 -18.00 -1.63
C PHE B 112 -15.05 -19.23 -1.20
N ARG B 113 -13.80 -19.00 -0.83
CA ARG B 113 -12.90 -20.10 -0.51
C ARG B 113 -13.37 -20.85 0.75
N GLN B 114 -13.87 -20.10 1.74
CA GLN B 114 -14.46 -20.68 2.95
C GLN B 114 -15.65 -21.58 2.61
N GLN B 115 -16.49 -21.09 1.70
CA GLN B 115 -17.73 -21.80 1.34
C GLN B 115 -17.51 -22.93 0.34
N ASN B 116 -16.34 -22.94 -0.29
CA ASN B 116 -16.02 -23.93 -1.31
C ASN B 116 -14.63 -24.49 -1.08
N PRO B 117 -14.45 -25.21 0.03
CA PRO B 117 -13.13 -25.74 0.39
C PRO B 117 -12.58 -26.79 -0.58
N GLU B 118 -13.44 -27.36 -1.42
CA GLU B 118 -13.00 -28.35 -2.41
C GLU B 118 -12.20 -27.71 -3.55
N ILE B 119 -12.42 -26.42 -3.80
CA ILE B 119 -11.79 -25.71 -4.91
C ILE B 119 -10.43 -25.16 -4.50
N HIS B 120 -9.38 -25.56 -5.22
CA HIS B 120 -8.06 -24.98 -5.03
C HIS B 120 -7.98 -23.65 -5.76
N ILE B 121 -7.66 -22.59 -5.03
CA ILE B 121 -7.63 -21.23 -5.56
C ILE B 121 -6.20 -20.79 -5.87
N GLU B 122 -6.00 -20.28 -7.08
CA GLU B 122 -4.75 -19.64 -7.46
C GLU B 122 -5.02 -18.18 -7.81
N LEU B 123 -4.44 -17.28 -7.02
CA LEU B 123 -4.57 -15.84 -7.26
C LEU B 123 -3.37 -15.35 -8.07
N ILE B 124 -3.67 -14.71 -9.20
CA ILE B 124 -2.65 -14.28 -10.16
C ILE B 124 -2.81 -12.80 -10.41
N GLU B 125 -1.74 -12.03 -10.16
CA GLU B 125 -1.79 -10.60 -10.46
C GLU B 125 -1.76 -10.42 -11.96
N CYS B 126 -2.80 -9.79 -12.48
CA CYS B 126 -3.03 -9.69 -13.91
C CYS B 126 -3.67 -8.34 -14.21
N GLY B 127 -2.94 -7.49 -14.93
CA GLY B 127 -3.45 -6.18 -15.31
C GLY B 127 -4.79 -6.26 -16.02
N THR B 128 -5.66 -5.29 -15.74
CA THR B 128 -6.96 -5.21 -16.37
C THR B 128 -6.82 -5.44 -17.87
N LYS B 129 -5.82 -4.78 -18.45
CA LYS B 129 -5.52 -4.89 -19.89
C LYS B 129 -5.15 -6.31 -20.38
N ASP B 130 -4.57 -7.12 -19.51
CA ASP B 130 -4.11 -8.47 -19.89
C ASP B 130 -5.12 -9.58 -19.61
N GLN B 131 -6.16 -9.26 -18.83
CA GLN B 131 -7.16 -10.26 -18.44
C GLN B 131 -7.97 -10.81 -19.60
N ILE B 132 -8.25 -9.99 -20.61
CA ILE B 132 -9.03 -10.44 -21.79
C ILE B 132 -8.31 -11.61 -22.47
N ASN B 133 -7.04 -11.43 -22.81
CA ASN B 133 -6.26 -12.49 -23.46
C ASN B 133 -5.98 -13.68 -22.54
N ALA B 134 -5.74 -13.40 -21.26
CA ALA B 134 -5.57 -14.44 -20.25
C ALA B 134 -6.79 -15.37 -20.21
N LEU B 135 -7.98 -14.77 -20.17
CA LEU B 135 -9.23 -15.55 -20.20
C LEU B 135 -9.39 -16.32 -21.51
N LYS B 136 -9.17 -15.66 -22.63
CA LYS B 136 -9.29 -16.33 -23.93
C LYS B 136 -8.35 -17.54 -24.02
N GLN B 137 -7.13 -17.37 -23.52
CA GLN B 137 -6.10 -18.42 -23.63
C GLN B 137 -6.12 -19.41 -22.47
N GLY B 138 -7.08 -19.28 -21.56
CA GLY B 138 -7.27 -20.26 -20.48
C GLY B 138 -6.28 -20.15 -19.33
N LYS B 139 -5.59 -19.02 -19.24
CA LYS B 139 -4.57 -18.80 -18.20
C LYS B 139 -5.18 -18.31 -16.89
N ILE B 140 -6.35 -17.68 -16.97
CA ILE B 140 -7.18 -17.41 -15.78
C ILE B 140 -8.62 -17.77 -16.13
N ASP B 141 -9.44 -17.95 -15.09
CA ASP B 141 -10.87 -18.29 -15.24
C ASP B 141 -11.79 -17.12 -14.87
N LEU B 142 -11.33 -16.28 -13.94
CA LEU B 142 -12.05 -15.09 -13.49
C LEU B 142 -11.08 -13.92 -13.53
N GLY B 143 -11.49 -12.80 -14.14
CA GLY B 143 -10.69 -11.57 -14.14
C GLY B 143 -11.40 -10.47 -13.38
N PHE B 144 -10.88 -10.11 -12.20
CA PHE B 144 -11.37 -8.94 -11.45
C PHE B 144 -10.50 -7.74 -11.81
N GLY B 145 -11.09 -6.73 -12.43
CA GLY B 145 -10.33 -5.56 -12.80
C GLY B 145 -11.16 -4.30 -12.89
N ARG B 146 -10.64 -3.33 -13.61
CA ARG B 146 -11.35 -2.08 -13.82
C ARG B 146 -11.54 -1.94 -15.31
N LEU B 147 -12.15 -2.98 -15.89
CA LEU B 147 -12.20 -3.17 -17.34
C LEU B 147 -13.27 -2.28 -17.98
N LYS B 148 -12.83 -1.44 -18.91
CA LYS B 148 -13.71 -0.61 -19.73
C LYS B 148 -13.65 -1.06 -21.20
N ILE B 149 -13.39 -2.35 -21.38
CA ILE B 149 -13.27 -2.97 -22.70
C ILE B 149 -14.22 -4.16 -22.76
N THR B 150 -15.10 -4.15 -23.74
CA THR B 150 -15.92 -5.32 -24.05
C THR B 150 -15.26 -6.09 -25.21
N ASP B 151 -15.10 -7.40 -25.03
CA ASP B 151 -14.60 -8.27 -26.09
C ASP B 151 -15.66 -9.33 -26.42
N PRO B 152 -15.84 -9.64 -27.72
CA PRO B 152 -16.82 -10.65 -28.15
C PRO B 152 -16.73 -12.00 -27.44
N ALA B 153 -15.53 -12.43 -27.08
CA ALA B 153 -15.34 -13.73 -26.42
C ALA B 153 -15.58 -13.67 -24.91
N ILE B 154 -15.72 -12.45 -24.37
CA ILE B 154 -15.70 -12.22 -22.93
C ILE B 154 -17.04 -11.70 -22.44
N ARG B 155 -17.50 -12.25 -21.32
CA ARG B 155 -18.68 -11.75 -20.63
C ARG B 155 -18.16 -10.79 -19.56
N ARG B 156 -18.41 -9.49 -19.73
CA ARG B 156 -17.94 -8.52 -18.76
C ARG B 156 -19.08 -8.14 -17.83
N ILE B 157 -18.90 -8.39 -16.53
CA ILE B 157 -19.93 -8.10 -15.54
C ILE B 157 -19.52 -6.92 -14.68
N MET B 158 -20.22 -5.79 -14.85
CA MET B 158 -19.94 -4.58 -14.10
C MET B 158 -20.54 -4.68 -12.70
N LEU B 159 -19.68 -4.81 -11.69
CA LEU B 159 -20.10 -5.03 -10.31
C LEU B 159 -20.44 -3.75 -9.55
N HIS B 160 -19.65 -2.71 -9.80
CA HIS B 160 -19.75 -1.47 -9.05
C HIS B 160 -19.07 -0.33 -9.82
N LYS B 161 -19.56 0.88 -9.61
CA LYS B 161 -18.87 2.06 -10.07
C LYS B 161 -18.42 2.87 -8.86
N GLU B 162 -17.11 3.00 -8.75
CA GLU B 162 -16.48 3.56 -7.59
C GLU B 162 -16.24 5.06 -7.80
N GLN B 163 -16.85 5.89 -6.95
CA GLN B 163 -16.62 7.34 -7.03
C GLN B 163 -15.16 7.66 -6.75
N LEU B 164 -14.61 8.62 -7.49
CA LEU B 164 -13.24 9.09 -7.26
C LEU B 164 -13.21 10.23 -6.24
N LYS B 165 -12.08 10.36 -5.55
CA LYS B 165 -11.86 11.38 -4.55
C LYS B 165 -10.51 12.04 -4.78
N LEU B 166 -10.40 13.30 -4.37
CA LEU B 166 -9.13 14.00 -4.42
C LEU B 166 -8.50 13.96 -3.03
N ALA B 167 -7.45 13.17 -2.87
CA ALA B 167 -6.72 13.13 -1.60
C ALA B 167 -5.88 14.41 -1.47
N ILE B 168 -6.04 15.09 -0.34
CA ILE B 168 -5.26 16.27 -0.01
C ILE B 168 -4.74 16.17 1.43
N HIS B 169 -3.66 16.88 1.73
CA HIS B 169 -3.29 17.13 3.12
C HIS B 169 -4.44 17.87 3.81
N LYS B 170 -4.72 17.53 5.06
CA LYS B 170 -5.91 18.03 5.76
C LYS B 170 -5.95 19.56 5.96
N HIS B 171 -4.79 20.22 5.94
CA HIS B 171 -4.72 21.68 6.09
C HIS B 171 -4.52 22.42 4.76
N HIS B 172 -4.52 21.65 3.66
CA HIS B 172 -4.41 22.21 2.30
C HIS B 172 -5.64 23.06 1.99
N HIS B 173 -5.47 24.11 1.19
CA HIS B 173 -6.54 25.10 0.96
C HIS B 173 -7.83 24.54 0.34
N LEU B 174 -7.74 23.44 -0.40
CA LEU B 174 -8.93 22.79 -0.95
C LEU B 174 -9.82 22.10 0.10
N ASN B 175 -9.37 22.05 1.36
CA ASN B 175 -10.21 21.52 2.46
C ASN B 175 -11.51 22.31 2.68
N GLN B 176 -11.59 23.50 2.10
CA GLN B 176 -12.84 24.25 2.03
C GLN B 176 -13.95 23.51 1.26
N PHE B 177 -13.55 22.59 0.39
CA PHE B 177 -14.51 21.81 -0.40
C PHE B 177 -14.78 20.41 0.16
N ALA B 178 -14.37 20.16 1.41
CA ALA B 178 -14.55 18.85 2.05
C ALA B 178 -16.00 18.39 2.10
N ALA B 179 -16.92 19.33 2.28
CA ALA B 179 -18.35 19.02 2.28
C ALA B 179 -18.94 19.06 0.87
N THR B 180 -18.61 20.09 0.11
CA THR B 180 -19.28 20.36 -1.18
C THR B 180 -18.71 19.58 -2.37
N GLY B 181 -17.43 19.24 -2.30
CA GLY B 181 -16.75 18.58 -3.41
C GLY B 181 -16.18 19.56 -4.42
N VAL B 182 -15.37 19.05 -5.34
CA VAL B 182 -14.71 19.86 -6.37
C VAL B 182 -14.90 19.29 -7.76
N HIS B 183 -14.80 20.15 -8.76
CA HIS B 183 -14.71 19.73 -10.16
C HIS B 183 -13.25 19.70 -10.58
N LEU B 184 -12.92 18.82 -11.53
CA LEU B 184 -11.54 18.66 -12.00
C LEU B 184 -10.94 19.93 -12.59
N SER B 185 -11.78 20.80 -13.16
CA SER B 185 -11.34 22.08 -13.72
C SER B 185 -10.77 23.05 -12.66
N GLN B 186 -11.15 22.85 -11.41
CA GLN B 186 -10.67 23.69 -10.30
C GLN B 186 -9.29 23.31 -9.79
N ILE B 187 -8.78 22.14 -10.17
CA ILE B 187 -7.54 21.61 -9.58
C ILE B 187 -6.42 21.37 -10.59
N ILE B 188 -6.60 21.82 -11.83
CA ILE B 188 -5.61 21.60 -12.88
C ILE B 188 -4.22 22.19 -12.57
N ASP B 189 -4.16 23.22 -11.74
CA ASP B 189 -2.90 23.89 -11.44
C ASP B 189 -2.24 23.41 -10.14
N GLU B 190 -2.85 22.43 -9.48
CA GLU B 190 -2.27 21.82 -8.29
C GLU B 190 -1.17 20.84 -8.67
N PRO B 191 -0.01 20.90 -7.96
CA PRO B 191 0.94 19.79 -8.05
C PRO B 191 0.20 18.49 -7.79
N MET B 192 0.20 17.61 -8.80
CA MET B 192 -0.66 16.43 -8.79
C MET B 192 0.15 15.18 -9.07
N LEU B 193 -0.12 14.13 -8.29
CA LEU B 193 0.63 12.90 -8.39
C LEU B 193 -0.17 11.82 -9.11
N LEU B 194 0.32 11.39 -10.27
CA LEU B 194 -0.30 10.31 -11.04
C LEU B 194 0.38 8.99 -10.69
N TYR B 195 -0.42 7.92 -10.66
CA TYR B 195 0.06 6.58 -10.35
C TYR B 195 -0.80 5.60 -11.15
N PRO B 196 -0.32 4.37 -11.37
CA PRO B 196 1.03 3.88 -11.11
C PRO B 196 1.97 4.12 -12.29
N VAL B 197 3.18 3.59 -12.17
CA VAL B 197 4.12 3.47 -13.27
C VAL B 197 4.14 1.97 -13.61
N SER B 198 3.51 1.63 -14.72
CA SER B 198 3.33 0.25 -15.15
C SER B 198 3.11 0.29 -16.65
N GLN B 199 3.00 -0.88 -17.28
CA GLN B 199 2.71 -0.94 -18.70
C GLN B 199 1.32 -0.36 -18.98
N LYS B 200 1.19 0.37 -20.10
CA LYS B 200 -0.07 0.99 -20.45
C LYS B 200 -0.96 0.00 -21.20
N PRO B 201 -2.29 0.21 -21.17
CA PRO B 201 -3.02 1.23 -20.44
C PRO B 201 -3.17 0.85 -18.96
N ASN B 202 -3.35 1.85 -18.11
CA ASN B 202 -3.41 1.66 -16.66
C ASN B 202 -4.20 2.79 -15.99
N PHE B 203 -4.18 2.87 -14.67
CA PHE B 203 -4.98 3.87 -13.97
C PHE B 203 -4.51 5.30 -14.25
N ALA B 204 -3.22 5.47 -14.53
CA ALA B 204 -2.66 6.79 -14.87
C ALA B 204 -3.17 7.28 -16.22
N THR B 205 -3.17 6.41 -17.22
CA THR B 205 -3.72 6.76 -18.53
C THR B 205 -5.22 7.03 -18.43
N PHE B 206 -5.92 6.29 -17.58
CA PHE B 206 -7.35 6.54 -17.32
C PHE B 206 -7.58 7.92 -16.70
N ILE B 207 -6.85 8.24 -15.64
CA ILE B 207 -6.99 9.53 -14.97
C ILE B 207 -6.63 10.69 -15.90
N GLN B 208 -5.60 10.52 -16.72
CA GLN B 208 -5.22 11.53 -17.71
C GLN B 208 -6.31 11.79 -18.76
N SER B 209 -6.95 10.72 -19.24
CA SER B 209 -8.04 10.84 -20.23
C SER B 209 -9.24 11.62 -19.66
N LEU B 210 -9.51 11.45 -18.36
CA LEU B 210 -10.59 12.19 -17.70
C LEU B 210 -10.43 13.70 -17.85
N PHE B 211 -9.20 14.18 -17.71
CA PHE B 211 -8.88 15.58 -17.96
C PHE B 211 -9.02 15.90 -19.45
N THR B 212 -8.50 15.02 -20.31
CA THR B 212 -8.51 15.26 -21.77
C THR B 212 -9.93 15.29 -22.36
N GLU B 213 -10.78 14.36 -21.92
CA GLU B 213 -12.18 14.34 -22.38
C GLU B 213 -12.94 15.58 -21.88
N LEU B 214 -12.56 16.08 -20.72
CA LEU B 214 -13.12 17.33 -20.17
C LEU B 214 -12.44 18.57 -20.74
N GLY B 215 -11.47 18.39 -21.62
CA GLY B 215 -10.82 19.50 -22.31
C GLY B 215 -9.82 20.22 -21.42
N LEU B 216 -9.28 19.49 -20.44
CA LEU B 216 -8.41 20.06 -19.42
C LEU B 216 -7.00 19.52 -19.55
N VAL B 217 -6.04 20.30 -19.09
CA VAL B 217 -4.63 19.89 -19.05
C VAL B 217 -4.05 20.24 -17.68
N PRO B 218 -3.67 19.23 -16.89
CA PRO B 218 -2.99 19.52 -15.62
C PRO B 218 -1.55 19.99 -15.87
N SER B 219 -1.20 21.14 -15.28
CA SER B 219 0.09 21.78 -15.55
C SER B 219 1.26 21.20 -14.75
N LYS B 220 0.96 20.54 -13.63
CA LYS B 220 2.01 20.07 -12.73
C LYS B 220 1.81 18.60 -12.35
N LEU B 221 2.00 17.72 -13.35
CA LEU B 221 1.89 16.27 -13.17
C LEU B 221 3.24 15.64 -12.82
N THR B 222 3.25 14.79 -11.80
CA THR B 222 4.40 13.95 -11.47
C THR B 222 3.95 12.50 -11.42
N GLU B 223 4.75 11.61 -12.00
CA GLU B 223 4.44 10.18 -12.00
C GLU B 223 5.03 9.53 -10.76
N ILE B 224 4.21 8.77 -10.04
CA ILE B 224 4.61 8.05 -8.84
C ILE B 224 4.23 6.59 -9.07
N ARG B 225 5.07 5.66 -8.62
CA ARG B 225 4.95 4.26 -9.06
C ARG B 225 3.74 3.48 -8.53
N GLU B 226 3.26 3.84 -7.33
CA GLU B 226 2.09 3.18 -6.73
C GLU B 226 1.26 4.17 -5.90
N ILE B 227 -0.03 3.89 -5.81
CA ILE B 227 -0.98 4.71 -5.04
C ILE B 227 -0.54 4.98 -3.60
N GLN B 228 -0.03 3.97 -2.92
CA GLN B 228 0.36 4.11 -1.52
C GLN B 228 1.51 5.11 -1.35
N LEU B 229 2.40 5.17 -2.35
CA LEU B 229 3.45 6.19 -2.39
C LEU B 229 2.85 7.56 -2.69
N ALA B 230 1.97 7.65 -3.69
CA ALA B 230 1.29 8.91 -4.00
C ALA B 230 0.65 9.48 -2.73
N LEU B 231 -0.11 8.64 -2.02
CA LEU B 231 -0.84 9.11 -0.85
C LEU B 231 0.10 9.59 0.26
N GLY B 232 1.16 8.84 0.51
CA GLY B 232 2.17 9.24 1.50
C GLY B 232 2.83 10.57 1.17
N LEU B 233 3.11 10.79 -0.11
CA LEU B 233 3.75 12.01 -0.55
C LEU B 233 2.82 13.22 -0.45
N VAL B 234 1.53 13.01 -0.70
CA VAL B 234 0.50 14.01 -0.42
C VAL B 234 0.55 14.42 1.06
N ALA B 235 0.62 13.43 1.95
CA ALA B 235 0.70 13.67 3.40
C ALA B 235 1.98 14.40 3.80
N ALA B 236 3.07 14.13 3.09
CA ALA B 236 4.36 14.80 3.32
C ALA B 236 4.42 16.22 2.73
N GLY B 237 3.42 16.59 1.95
CA GLY B 237 3.30 17.96 1.43
C GLY B 237 3.61 18.12 -0.06
N GLU B 238 3.59 17.01 -0.81
CA GLU B 238 4.01 17.02 -2.21
C GLU B 238 2.90 17.36 -3.21
N GLY B 239 1.68 17.56 -2.71
CA GLY B 239 0.57 17.97 -3.58
C GLY B 239 -0.74 17.26 -3.31
N VAL B 240 -1.40 16.84 -4.38
CA VAL B 240 -2.69 16.15 -4.30
C VAL B 240 -2.66 14.92 -5.21
N CYS B 241 -3.70 14.08 -5.11
CA CYS B 241 -3.79 12.84 -5.87
CA CYS B 241 -3.81 12.90 -5.96
C CYS B 241 -5.24 12.38 -6.02
N ILE B 242 -5.61 11.90 -7.20
CA ILE B 242 -6.97 11.39 -7.42
C ILE B 242 -6.98 9.89 -7.18
N VAL B 243 -7.94 9.43 -6.37
CA VAL B 243 -8.01 8.01 -6.01
C VAL B 243 -9.46 7.48 -6.02
N PRO B 244 -9.63 6.16 -6.20
CA PRO B 244 -10.94 5.54 -6.03
C PRO B 244 -11.40 5.59 -4.57
N ALA B 245 -12.71 5.54 -4.38
CA ALA B 245 -13.30 5.63 -3.03
C ALA B 245 -12.71 4.64 -2.04
N SER B 246 -12.45 3.41 -2.49
CA SER B 246 -11.93 2.36 -1.60
C SER B 246 -10.53 2.67 -1.07
N ALA B 247 -9.79 3.52 -1.80
CA ALA B 247 -8.43 3.91 -1.41
C ALA B 247 -8.41 4.78 -0.15
N MET B 248 -9.55 5.40 0.18
CA MET B 248 -9.71 6.12 1.44
C MET B 248 -9.38 5.26 2.66
N ASP B 249 -9.54 3.94 2.52
CA ASP B 249 -9.20 3.02 3.60
C ASP B 249 -7.70 2.72 3.71
N ILE B 250 -6.90 3.16 2.74
CA ILE B 250 -5.45 3.01 2.83
C ILE B 250 -5.01 3.99 3.93
N GLY B 251 -4.41 3.47 4.99
CA GLY B 251 -4.30 4.19 6.25
C GLY B 251 -3.21 5.25 6.41
N VAL B 252 -2.90 5.95 5.32
CA VAL B 252 -1.97 7.07 5.36
C VAL B 252 -2.65 8.18 6.16
N LYS B 253 -1.87 8.90 6.95
CA LYS B 253 -2.42 9.78 7.97
C LYS B 253 -2.47 11.24 7.55
N ASN B 254 -3.34 11.98 8.22
CA ASN B 254 -3.49 13.43 8.05
C ASN B 254 -4.00 13.87 6.67
N LEU B 255 -4.80 13.00 6.06
CA LEU B 255 -5.42 13.29 4.76
C LEU B 255 -6.91 13.61 4.88
N LEU B 256 -7.40 14.38 3.90
CA LEU B 256 -8.82 14.55 3.64
C LEU B 256 -9.07 14.08 2.22
N TYR B 257 -10.29 13.58 1.98
CA TYR B 257 -10.68 13.08 0.68
C TYR B 257 -11.87 13.86 0.17
N ILE B 258 -11.64 14.63 -0.88
CA ILE B 258 -12.64 15.54 -1.41
C ILE B 258 -13.41 14.82 -2.49
N PRO B 259 -14.75 14.78 -2.37
CA PRO B 259 -15.54 14.15 -3.43
C PRO B 259 -15.34 14.87 -4.77
N ILE B 260 -15.12 14.12 -5.84
CA ILE B 260 -15.05 14.71 -7.18
C ILE B 260 -16.44 14.67 -7.82
N LEU B 261 -16.96 15.86 -8.14
CA LEU B 261 -18.35 16.05 -8.52
C LEU B 261 -18.67 15.64 -9.97
N ASP B 262 -17.65 15.56 -10.81
CA ASP B 262 -17.83 15.24 -12.22
C ASP B 262 -18.52 13.89 -12.44
N ASP B 263 -19.40 13.83 -13.44
CA ASP B 263 -20.19 12.64 -13.74
C ASP B 263 -19.34 11.46 -14.19
N ASP B 264 -18.34 11.72 -15.02
CA ASP B 264 -17.45 10.67 -15.50
C ASP B 264 -16.33 10.32 -14.51
N ALA B 265 -16.26 11.02 -13.39
CA ALA B 265 -15.21 10.77 -12.40
C ALA B 265 -15.55 9.57 -11.51
N TYR B 266 -15.50 8.38 -12.10
CA TYR B 266 -15.68 7.14 -11.37
C TYR B 266 -14.84 6.05 -12.01
N SER B 267 -14.51 5.01 -11.23
CA SER B 267 -13.76 3.88 -11.74
C SER B 267 -14.56 2.60 -11.56
N PRO B 268 -14.80 1.86 -12.66
CA PRO B 268 -15.57 0.62 -12.56
C PRO B 268 -14.83 -0.52 -11.85
N ILE B 269 -15.59 -1.42 -11.22
CA ILE B 269 -15.06 -2.70 -10.77
C ILE B 269 -15.77 -3.77 -11.59
N SER B 270 -14.98 -4.60 -12.27
CA SER B 270 -15.51 -5.54 -13.25
C SER B 270 -15.07 -6.97 -12.96
N LEU B 271 -16.00 -7.91 -13.18
CA LEU B 271 -15.67 -9.32 -13.26
C LEU B 271 -15.81 -9.79 -14.71
N ALA B 272 -14.73 -10.33 -15.27
CA ALA B 272 -14.75 -10.82 -16.64
C ALA B 272 -14.57 -12.34 -16.64
N VAL B 273 -15.36 -13.00 -17.49
CA VAL B 273 -15.29 -14.45 -17.68
C VAL B 273 -15.45 -14.76 -19.16
N ARG B 274 -15.05 -15.95 -19.57
CA ARG B 274 -15.29 -16.40 -20.95
C ARG B 274 -16.79 -16.54 -21.19
N ASN B 275 -17.25 -16.07 -22.35
CA ASN B 275 -18.64 -16.27 -22.78
C ASN B 275 -19.09 -17.73 -22.71
N MET B 276 -18.17 -18.63 -23.07
CA MET B 276 -18.45 -20.07 -23.09
C MET B 276 -18.53 -20.71 -21.70
N ASP B 277 -18.10 -19.99 -20.67
CA ASP B 277 -17.95 -20.54 -19.32
C ASP B 277 -19.27 -20.50 -18.55
N HIS B 278 -19.79 -21.68 -18.24
CA HIS B 278 -21.00 -21.80 -17.43
C HIS B 278 -20.73 -22.58 -16.14
N SER B 279 -19.51 -22.48 -15.64
CA SER B 279 -19.12 -23.14 -14.40
C SER B 279 -19.91 -22.56 -13.24
N ASN B 280 -20.17 -23.39 -12.23
CA ASN B 280 -20.93 -22.98 -11.06
C ASN B 280 -20.17 -21.98 -10.16
N TYR B 281 -18.86 -21.91 -10.28
CA TYR B 281 -18.10 -20.89 -9.53
C TYR B 281 -18.45 -19.45 -9.90
N ILE B 282 -19.05 -19.23 -11.08
CA ILE B 282 -19.45 -17.89 -11.51
C ILE B 282 -20.67 -17.40 -10.71
N PRO B 283 -21.81 -18.11 -10.78
CA PRO B 283 -22.90 -17.69 -9.90
C PRO B 283 -22.52 -17.72 -8.41
N LYS B 284 -21.70 -18.68 -8.02
CA LYS B 284 -21.22 -18.76 -6.63
C LYS B 284 -20.44 -17.51 -6.17
N ILE B 285 -19.48 -17.09 -6.99
CA ILE B 285 -18.67 -15.91 -6.66
C ILE B 285 -19.52 -14.62 -6.73
N LEU B 286 -20.48 -14.56 -7.66
CA LEU B 286 -21.39 -13.42 -7.74
C LEU B 286 -22.25 -13.31 -6.48
N ALA B 287 -22.66 -14.46 -5.93
CA ALA B 287 -23.36 -14.51 -4.65
C ALA B 287 -22.51 -13.98 -3.51
N CYS B 288 -21.21 -14.30 -3.52
CA CYS B 288 -20.26 -13.77 -2.54
C CYS B 288 -20.09 -12.27 -2.71
N VAL B 289 -20.05 -11.80 -3.96
CA VAL B 289 -20.00 -10.36 -4.25
C VAL B 289 -21.20 -9.65 -3.63
N GLN B 290 -22.40 -10.15 -3.90
CA GLN B 290 -23.62 -9.53 -3.37
C GLN B 290 -23.62 -9.51 -1.83
N GLU B 291 -23.15 -10.59 -1.21
CA GLU B 291 -23.18 -10.69 0.25
C GLU B 291 -22.15 -9.75 0.91
N VAL B 292 -20.95 -9.66 0.34
CA VAL B 292 -19.92 -8.76 0.88
C VAL B 292 -20.36 -7.30 0.69
N PHE B 293 -20.93 -6.99 -0.48
CA PHE B 293 -21.45 -5.64 -0.74
C PHE B 293 -22.56 -5.24 0.24
N ALA B 294 -23.47 -6.17 0.52
CA ALA B 294 -24.52 -5.95 1.50
C ALA B 294 -23.97 -5.79 2.91
N THR B 295 -22.93 -6.53 3.25
CA THR B 295 -22.27 -6.40 4.56
C THR B 295 -21.70 -4.98 4.74
N HIS B 296 -21.19 -4.42 3.67
CA HIS B 296 -20.60 -3.09 3.71
C HIS B 296 -21.59 -1.97 3.32
N HIS B 297 -22.86 -2.32 3.16
CA HIS B 297 -23.92 -1.35 2.86
C HIS B 297 -23.68 -0.59 1.54
N ILE B 298 -23.06 -1.28 0.59
CA ILE B 298 -22.87 -0.76 -0.75
C ILE B 298 -23.84 -1.49 -1.66
N ARG B 299 -24.64 -0.73 -2.39
CA ARG B 299 -25.57 -1.31 -3.37
C ARG B 299 -24.81 -1.62 -4.67
N PRO B 300 -24.77 -2.91 -5.06
CA PRO B 300 -24.10 -3.28 -6.31
C PRO B 300 -24.97 -2.98 -7.54
N LEU B 301 -24.34 -2.96 -8.71
CA LEU B 301 -25.05 -2.72 -9.96
C LEU B 301 -25.84 -3.94 -10.41
N ILE B 302 -25.22 -5.11 -10.25
CA ILE B 302 -25.84 -6.38 -10.66
C ILE B 302 -27.01 -6.75 -9.74
N GLU B 303 -27.91 -7.58 -10.27
CA GLU B 303 -29.06 -8.07 -9.52
C GLU B 303 -29.20 -9.59 -9.71
N SER B 304 -28.75 -10.35 -8.71
CA SER B 304 -28.83 -11.81 -8.75
C SER B 304 -30.23 -12.29 -8.39
#